data_2BF1
#
_entry.id   2BF1
#
_cell.length_a   108.048
_cell.length_b   108.048
_cell.length_c   117.701
_cell.angle_alpha   90.00
_cell.angle_beta   90.00
_cell.angle_gamma   90.00
#
_symmetry.space_group_name_H-M   'P 43 21 2'
#
loop_
_entity.id
_entity.type
_entity.pdbx_description
1 polymer 'EXTERIOR MEMBRANE GLYCOPROTEIN GP120'
2 branched beta-D-mannopyranose-(1-4)-2-acetamido-2-deoxy-beta-D-glucopyranose-(1-4)-[alpha-L-fucopyranose-(1-6)]2-acetamido-2-deoxy-beta-D-glucopyranose
3 branched alpha-D-mannopyranose-(1-3)-[alpha-D-mannopyranose-(1-6)]beta-D-mannopyranose-(1-4)-2-acetamido-2-deoxy-beta-D-glucopyranose-(1-4)-[alpha-L-fucopyranose-(1-6)]2-acetamido-2-deoxy-beta-D-glucopyranose
4 branched 2-acetamido-2-deoxy-beta-D-glucopyranose-(1-4)-[alpha-L-fucopyranose-(1-6)]2-acetamido-2-deoxy-beta-D-glucopyranose
5 branched 2-acetamido-2-deoxy-beta-D-glucopyranose-(1-4)-2-acetamido-2-deoxy-beta-D-glucopyranose
6 branched alpha-D-mannopyranose-(1-2)-alpha-D-mannopyranose-(1-2)-alpha-D-mannopyranose-(1-3)-[alpha-D-mannopyranose-(1-6)]beta-D-mannopyranose-(1-4)-2-acetamido-2-deoxy-beta-D-glucopyranose-(1-4)-2-acetamido-2-deoxy-beta-D-glucopyranose
7 branched alpha-D-mannopyranose-(1-3)-[alpha-D-mannopyranose-(1-6)]beta-D-mannopyranose-(1-4)-2-acetamido-2-deoxy-beta-D-glucopyranose-(1-4)-2-acetamido-2-deoxy-beta-D-glucopyranose
8 branched alpha-D-mannopyranose-(1-6)-beta-D-mannopyranose-(1-4)-2-acetamido-2-deoxy-beta-D-glucopyranose-(1-4)-2-acetamido-2-deoxy-beta-D-glucopyranose
9 non-polymer 2-acetamido-2-deoxy-beta-D-glucopyranose
#
_entity_poly.entity_id   1
_entity_poly.type   'polypeptide(L)'
_entity_poly.pdbx_seq_one_letter_code
;HMELALNVTESFDAWENTVTEQAIEDVWQLFETSIKPCVKLSPLCIGAGHCNTSIIQESCDKHYWDTIRFRYCAPPGYAL
LRCNDTNYSGFMPKCSKVVVSSCTRMMETQTSTWFGFNGTRAENRTYIYWHGRDNRTIISLNKYYNLTMKCRGAGWCWFG
GNWKDAIKEMKQTIVKHPRYTGTNNTDKINLTAPRGGDPEVTFMWTNCRGEFLYCKMNWFLNWVEDRDVTNQRPKERHRR
NYVPCHIRQIINTWHKVGKNVYLPPREGDLTCNSTVTSLIANIDWTDGNQTNITMSAEVAELYRLELGDYKLVEIT
;
_entity_poly.pdbx_strand_id   A
#
loop_
_chem_comp.id
_chem_comp.type
_chem_comp.name
_chem_comp.formula
BMA D-saccharide, beta linking beta-D-mannopyranose 'C6 H12 O6'
FUC L-saccharide, alpha linking alpha-L-fucopyranose 'C6 H12 O5'
MAN D-saccharide, alpha linking alpha-D-mannopyranose 'C6 H12 O6'
NAG D-saccharide, beta linking 2-acetamido-2-deoxy-beta-D-glucopyranose 'C8 H15 N O6'
#
# COMPACT_ATOMS: atom_id res chain seq x y z
N HIS A 1 2.58 -30.74 1.68
CA HIS A 1 1.92 -29.64 0.89
C HIS A 1 2.49 -28.22 1.15
N MET A 2 2.05 -27.58 2.23
CA MET A 2 2.60 -26.30 2.67
C MET A 2 3.56 -26.55 3.82
N GLU A 3 4.75 -25.99 3.72
CA GLU A 3 5.77 -26.20 4.74
C GLU A 3 6.63 -24.96 4.87
N LEU A 4 6.01 -23.86 5.27
CA LEU A 4 6.70 -22.59 5.37
C LEU A 4 7.89 -22.56 6.32
N ALA A 5 8.19 -21.35 6.76
CA ALA A 5 9.10 -21.10 7.86
C ALA A 5 8.74 -19.75 8.47
N LEU A 6 9.69 -19.17 9.21
CA LEU A 6 9.57 -17.79 9.68
C LEU A 6 10.98 -17.17 9.86
N ASN A 7 11.53 -16.68 8.75
CA ASN A 7 12.83 -16.04 8.66
C ASN A 7 12.68 -14.78 7.80
N VAL A 8 13.60 -13.81 7.92
CA VAL A 8 13.69 -12.69 6.94
C VAL A 8 15.11 -12.07 6.80
N THR A 9 15.39 -11.49 5.63
CA THR A 9 16.67 -10.82 5.33
C THR A 9 16.44 -9.35 4.97
N GLU A 10 17.03 -8.45 5.75
CA GLU A 10 16.96 -7.04 5.44
C GLU A 10 18.33 -6.43 5.29
N SER A 11 18.47 -5.62 4.24
CA SER A 11 19.74 -5.08 3.79
C SER A 11 19.61 -3.64 3.30
N PHE A 12 20.37 -3.32 2.25
CA PHE A 12 20.51 -1.95 1.75
C PHE A 12 19.86 -1.70 0.37
N ASP A 13 19.74 -2.75 -0.45
CA ASP A 13 19.38 -2.60 -1.89
C ASP A 13 17.91 -2.81 -2.24
N ALA A 14 17.39 -1.95 -3.11
CA ALA A 14 16.00 -2.03 -3.51
C ALA A 14 15.80 -2.45 -4.99
N TRP A 15 16.86 -2.39 -5.77
CA TRP A 15 16.82 -2.81 -7.18
C TRP A 15 17.13 -4.30 -7.24
N GLU A 16 18.07 -4.70 -6.38
CA GLU A 16 18.39 -6.08 -6.11
C GLU A 16 17.49 -6.62 -4.99
N ASN A 17 16.42 -5.86 -4.71
CA ASN A 17 15.38 -6.23 -3.72
C ASN A 17 14.93 -7.67 -3.86
N THR A 18 14.52 -8.26 -2.73
CA THR A 18 14.19 -9.68 -2.65
C THR A 18 12.69 -9.92 -2.39
N VAL A 19 12.31 -10.05 -1.12
CA VAL A 19 10.91 -10.34 -0.76
C VAL A 19 10.01 -9.44 -1.61
N THR A 20 10.15 -8.14 -1.41
CA THR A 20 9.35 -7.19 -2.11
C THR A 20 9.38 -7.54 -3.59
N GLU A 21 10.46 -7.13 -4.24
CA GLU A 21 10.63 -7.36 -5.65
C GLU A 21 10.09 -8.71 -6.11
N GLN A 22 10.45 -9.78 -5.40
CA GLN A 22 9.97 -11.12 -5.77
C GLN A 22 8.44 -11.19 -5.70
N ALA A 23 7.88 -10.77 -4.57
CA ALA A 23 6.42 -10.73 -4.39
C ALA A 23 5.72 -9.96 -5.51
N ILE A 24 6.22 -8.77 -5.81
CA ILE A 24 5.65 -7.94 -6.85
C ILE A 24 5.67 -8.65 -8.21
N GLU A 25 6.86 -8.99 -8.69
CA GLU A 25 7.03 -9.58 -10.03
C GLU A 25 6.16 -10.80 -10.24
N ASP A 26 6.24 -11.69 -9.27
CA ASP A 26 5.53 -12.95 -9.32
C ASP A 26 4.02 -12.70 -9.41
N VAL A 27 3.56 -11.64 -8.73
CA VAL A 27 2.13 -11.34 -8.68
C VAL A 27 1.55 -11.12 -10.06
N TRP A 28 2.23 -10.37 -10.91
CA TRP A 28 1.65 -10.16 -12.19
C TRP A 28 1.81 -11.42 -13.06
N GLN A 29 2.69 -12.32 -12.63
CA GLN A 29 2.82 -13.63 -13.26
C GLN A 29 1.56 -14.45 -12.97
N LEU A 30 1.15 -14.49 -11.70
CA LEU A 30 -0.06 -15.22 -11.30
C LEU A 30 -1.32 -14.58 -11.88
N PHE A 31 -1.27 -13.25 -11.94
CA PHE A 31 -2.39 -12.38 -12.34
C PHE A 31 -2.61 -12.31 -13.86
N GLU A 32 -1.59 -11.88 -14.60
CA GLU A 32 -1.58 -11.99 -16.06
C GLU A 32 -2.02 -13.40 -16.48
N THR A 33 -1.85 -14.36 -15.56
CA THR A 33 -2.22 -15.76 -15.75
C THR A 33 -3.68 -16.07 -15.37
N SER A 34 -4.53 -16.01 -16.39
CA SER A 34 -5.95 -16.40 -16.34
C SER A 34 -6.49 -16.62 -17.80
N ILE A 35 -5.68 -16.20 -18.79
CA ILE A 35 -5.97 -16.40 -20.22
C ILE A 35 -5.67 -17.86 -20.58
N LYS A 36 -6.55 -18.46 -21.37
CA LYS A 36 -6.48 -19.90 -21.67
C LYS A 36 -6.01 -20.24 -23.11
N PRO A 37 -4.98 -21.10 -23.22
CA PRO A 37 -4.64 -21.79 -24.47
C PRO A 37 -5.04 -23.26 -24.42
N CYS A 38 -4.38 -24.02 -23.54
CA CYS A 38 -4.68 -25.43 -23.23
C CYS A 38 -4.08 -25.89 -21.90
N VAL A 39 -2.78 -25.64 -21.69
CA VAL A 39 -2.07 -25.96 -20.43
C VAL A 39 -1.02 -24.87 -20.13
N LYS A 40 -1.04 -24.31 -18.91
CA LYS A 40 -0.09 -23.25 -18.54
C LYS A 40 1.01 -23.70 -17.56
N LEU A 41 2.11 -22.94 -17.51
CA LEU A 41 3.17 -23.17 -16.54
C LEU A 41 3.35 -21.98 -15.58
N SER A 42 3.18 -22.27 -14.28
CA SER A 42 3.32 -21.31 -13.19
C SER A 42 4.57 -21.70 -12.36
N PRO A 43 5.22 -20.74 -11.70
CA PRO A 43 6.35 -21.10 -10.84
C PRO A 43 5.79 -21.45 -9.48
N LEU A 44 6.54 -21.14 -8.41
CA LEU A 44 6.05 -21.25 -7.02
C LEU A 44 7.19 -21.19 -6.01
N CYS A 45 7.99 -20.13 -6.09
CA CYS A 45 9.02 -19.87 -5.08
C CYS A 45 8.52 -18.84 -4.09
N ILE A 46 8.92 -19.04 -2.84
CA ILE A 46 8.60 -18.19 -1.70
C ILE A 46 9.64 -18.45 -0.61
N GLY A 47 10.59 -19.36 -0.88
CA GLY A 47 11.68 -19.69 0.06
C GLY A 47 11.76 -21.14 0.55
N ALA A 48 12.26 -22.04 -0.34
CA ALA A 48 12.28 -23.48 -0.04
C ALA A 48 13.64 -24.13 -0.31
N GLY A 49 14.56 -23.38 -0.90
CA GLY A 49 15.88 -23.90 -1.24
C GLY A 49 15.93 -24.49 -2.64
N HIS A 50 14.79 -24.46 -3.30
CA HIS A 50 14.60 -24.88 -4.70
C HIS A 50 13.26 -24.25 -5.12
N CYS A 51 12.66 -24.71 -6.23
CA CYS A 51 11.42 -24.09 -6.73
C CYS A 51 10.32 -25.07 -7.23
N ASN A 52 9.06 -24.60 -7.21
CA ASN A 52 7.89 -25.34 -7.75
C ASN A 52 7.43 -24.67 -9.05
N THR A 53 7.39 -25.45 -10.14
CA THR A 53 6.84 -24.99 -11.45
C THR A 53 5.42 -25.57 -11.61
N SER A 54 4.46 -24.87 -11.01
CA SER A 54 3.05 -25.29 -10.96
C SER A 54 2.43 -25.46 -12.36
N ILE A 55 1.69 -26.55 -12.56
CA ILE A 55 1.07 -26.86 -13.87
C ILE A 55 -0.45 -27.13 -13.82
N ILE A 56 -1.24 -26.17 -14.32
CA ILE A 56 -2.71 -26.28 -14.39
C ILE A 56 -3.15 -27.10 -15.59
N GLN A 57 -3.91 -28.13 -15.29
CA GLN A 57 -4.50 -29.01 -16.29
C GLN A 57 -5.92 -28.49 -16.62
N GLU A 58 -6.48 -28.92 -17.76
CA GLU A 58 -7.87 -28.61 -18.19
C GLU A 58 -8.22 -29.12 -19.62
N SER A 59 -9.00 -28.32 -20.35
CA SER A 59 -9.50 -28.66 -21.68
C SER A 59 -8.67 -28.04 -22.82
N CYS A 60 -9.32 -27.88 -23.98
CA CYS A 60 -8.59 -27.46 -25.16
C CYS A 60 -9.51 -27.20 -26.36
N PHE A 70 -20.49 -20.62 -16.38
CA PHE A 70 -19.10 -20.80 -15.99
C PHE A 70 -18.74 -19.85 -14.85
N ARG A 71 -18.35 -20.42 -13.71
CA ARG A 71 -17.83 -19.63 -12.59
C ARG A 71 -16.63 -20.27 -11.91
N TYR A 72 -15.59 -19.46 -11.81
CA TYR A 72 -14.29 -19.87 -11.34
C TYR A 72 -13.99 -18.90 -10.19
N CYS A 73 -13.21 -19.31 -9.19
CA CYS A 73 -13.03 -18.42 -8.03
C CYS A 73 -12.29 -17.12 -8.32
N ALA A 74 -10.95 -17.16 -8.40
CA ALA A 74 -10.12 -15.94 -8.52
C ALA A 74 -8.57 -16.06 -8.76
N PRO A 75 -7.86 -16.91 -8.02
CA PRO A 75 -6.45 -17.15 -8.31
C PRO A 75 -6.21 -18.50 -8.97
N PRO A 76 -6.14 -18.55 -10.30
CA PRO A 76 -5.70 -19.77 -10.95
C PRO A 76 -4.25 -20.08 -10.54
N GLY A 77 -4.08 -20.52 -9.29
CA GLY A 77 -2.78 -20.98 -8.78
C GLY A 77 -2.19 -20.41 -7.48
N TYR A 78 -2.88 -19.46 -6.83
CA TYR A 78 -2.31 -18.78 -5.64
C TYR A 78 -3.22 -18.74 -4.39
N ALA A 79 -2.61 -18.60 -3.22
CA ALA A 79 -3.30 -18.69 -1.94
C ALA A 79 -2.61 -17.89 -0.84
N LEU A 80 -3.34 -17.52 0.20
CA LEU A 80 -2.77 -16.84 1.40
C LEU A 80 -3.13 -17.51 2.74
N LEU A 81 -2.36 -17.21 3.81
CA LEU A 81 -2.67 -17.64 5.21
C LEU A 81 -1.91 -16.84 6.29
N ARG A 82 -2.42 -16.78 7.53
CA ARG A 82 -1.76 -16.06 8.63
C ARG A 82 -1.39 -16.93 9.84
N CYS A 83 -0.59 -16.38 10.76
CA CYS A 83 -0.34 -16.93 12.10
C CYS A 83 -1.61 -16.91 13.00
N ASN A 84 -1.61 -16.10 14.05
CA ASN A 84 -2.77 -15.84 14.93
C ASN A 84 -2.28 -15.24 16.25
N ASP A 85 -3.20 -14.66 17.03
CA ASP A 85 -3.05 -14.27 18.47
C ASP A 85 -3.71 -12.95 18.84
N THR A 86 -2.98 -11.85 18.65
CA THR A 86 -3.43 -10.48 18.97
C THR A 86 -3.80 -9.66 17.72
N ASN A 87 -4.47 -8.52 17.93
CA ASN A 87 -4.93 -7.64 16.87
C ASN A 87 -3.86 -7.43 15.82
N TYR A 88 -2.73 -6.86 16.20
CA TYR A 88 -1.57 -6.76 15.28
C TYR A 88 -0.26 -6.17 15.89
N SER A 89 0.87 -6.46 15.24
CA SER A 89 2.16 -5.84 15.55
C SER A 89 3.11 -5.83 14.36
N GLY A 90 3.58 -7.00 13.95
CA GLY A 90 4.64 -7.10 12.97
C GLY A 90 5.54 -8.29 13.20
N PHE A 91 6.82 -8.03 13.55
CA PHE A 91 7.84 -9.11 13.66
C PHE A 91 8.70 -9.26 14.94
N MET A 92 9.37 -10.42 15.04
CA MET A 92 9.90 -11.02 16.27
C MET A 92 8.71 -11.64 16.99
N PRO A 93 8.27 -12.78 16.47
CA PRO A 93 7.21 -13.56 17.09
C PRO A 93 7.74 -14.81 17.82
N LYS A 94 6.83 -15.61 18.38
CA LYS A 94 7.18 -16.93 18.84
C LYS A 94 6.13 -17.81 18.20
N CYS A 95 5.78 -17.44 16.95
CA CYS A 95 4.55 -17.84 16.24
C CYS A 95 4.12 -19.33 16.32
N SER A 96 2.81 -19.56 16.31
CA SER A 96 2.18 -20.85 16.68
C SER A 96 1.04 -21.43 15.78
N LYS A 97 -0.23 -21.16 16.11
CA LYS A 97 -1.40 -21.61 15.32
C LYS A 97 -1.49 -20.89 13.96
N VAL A 98 -2.08 -21.52 12.96
CA VAL A 98 -2.11 -20.91 11.61
C VAL A 98 -3.32 -21.33 10.78
N VAL A 99 -3.79 -20.44 9.91
CA VAL A 99 -5.04 -20.68 9.17
C VAL A 99 -4.92 -20.91 7.66
N VAL A 100 -6.11 -20.94 7.02
CA VAL A 100 -6.37 -21.46 5.66
C VAL A 100 -7.04 -20.45 4.72
N SER A 101 -6.43 -20.10 3.58
CA SER A 101 -7.16 -19.20 2.66
C SER A 101 -6.53 -19.17 1.28
N SER A 102 -7.30 -18.80 0.24
CA SER A 102 -6.75 -18.90 -1.13
C SER A 102 -7.13 -17.81 -2.16
N CYS A 103 -8.41 -17.73 -2.50
CA CYS A 103 -8.94 -16.91 -3.59
C CYS A 103 -8.34 -15.51 -3.72
N THR A 104 -8.38 -14.96 -4.93
CA THR A 104 -7.80 -13.65 -5.16
C THR A 104 -8.55 -12.96 -6.30
N ARG A 105 -9.70 -12.41 -5.95
CA ARG A 105 -10.60 -11.74 -6.89
C ARG A 105 -10.22 -10.27 -7.04
N MET A 106 -9.43 -9.80 -6.07
CA MET A 106 -9.05 -8.39 -5.87
C MET A 106 -9.23 -7.44 -7.07
N MET A 107 -8.59 -7.77 -8.19
CA MET A 107 -8.68 -6.95 -9.38
C MET A 107 -10.10 -6.43 -9.55
N GLU A 108 -11.10 -7.28 -9.31
CA GLU A 108 -12.49 -6.85 -9.43
C GLU A 108 -12.78 -5.63 -8.57
N THR A 109 -12.45 -5.72 -7.28
CA THR A 109 -12.83 -4.68 -6.32
C THR A 109 -11.98 -3.39 -6.40
N GLN A 110 -11.68 -2.79 -5.25
CA GLN A 110 -11.13 -1.44 -5.18
C GLN A 110 -9.82 -1.41 -4.47
N THR A 111 -9.10 -0.30 -4.58
CA THR A 111 -7.78 -0.15 -3.97
C THR A 111 -7.17 1.25 -4.18
N SER A 112 -6.03 1.51 -3.54
CA SER A 112 -5.31 2.80 -3.57
C SER A 112 -3.92 2.75 -2.90
N THR A 113 -2.96 3.56 -3.37
CA THR A 113 -1.60 3.61 -2.80
C THR A 113 -1.53 4.39 -1.46
N TRP A 114 -2.64 5.04 -1.09
CA TRP A 114 -2.65 5.95 0.03
C TRP A 114 -3.40 5.40 1.19
N PHE A 115 -4.72 5.33 1.07
CA PHE A 115 -5.50 4.97 2.24
C PHE A 115 -6.43 3.78 2.12
N GLY A 116 -5.96 2.64 2.62
CA GLY A 116 -6.75 1.41 2.73
C GLY A 116 -8.21 1.70 3.01
N PHE A 117 -9.09 0.96 2.35
CA PHE A 117 -10.45 1.42 2.21
C PHE A 117 -11.35 1.27 3.42
N ASN A 118 -12.17 0.23 3.45
CA ASN A 118 -12.88 -0.13 4.66
C ASN A 118 -11.87 -0.41 5.76
N GLY A 119 -12.14 0.13 6.95
CA GLY A 119 -11.20 0.05 8.08
C GLY A 119 -11.61 -0.79 9.29
N THR A 120 -12.91 -0.77 9.61
CA THR A 120 -13.47 -1.67 10.62
C THR A 120 -13.11 -1.23 12.07
N ARG A 121 -14.12 -1.20 12.93
CA ARG A 121 -14.03 -0.53 14.23
C ARG A 121 -12.94 0.52 14.10
N ALA A 122 -13.16 1.43 13.16
CA ALA A 122 -12.29 2.57 12.98
C ALA A 122 -12.54 3.47 14.16
N GLU A 123 -11.91 3.09 15.26
CA GLU A 123 -12.08 3.75 16.54
C GLU A 123 -11.60 5.19 16.41
N ASN A 124 -12.40 6.08 16.99
CA ASN A 124 -12.06 7.49 17.10
C ASN A 124 -10.54 7.67 17.22
N ARG A 125 -10.00 7.27 18.37
CA ARG A 125 -8.56 7.38 18.62
C ARG A 125 -7.75 6.74 17.50
N THR A 126 -7.10 7.64 16.77
CA THR A 126 -6.13 7.32 15.76
C THR A 126 -5.20 6.16 16.14
N TYR A 127 -4.68 5.50 15.11
CA TYR A 127 -3.75 4.39 15.26
C TYR A 127 -2.54 4.55 14.38
N ILE A 128 -1.40 3.98 14.80
CA ILE A 128 -0.18 3.99 13.97
C ILE A 128 0.37 2.57 13.78
N TYR A 129 -0.48 1.58 14.02
CA TYR A 129 -0.15 0.18 13.86
C TYR A 129 1.03 -0.10 12.97
N TRP A 130 2.10 -0.65 13.54
CA TRP A 130 3.40 -0.66 12.84
C TRP A 130 4.36 -1.85 13.03
N HIS A 131 4.78 -2.42 11.89
CA HIS A 131 5.88 -3.37 11.82
C HIS A 131 7.22 -2.65 11.82
N GLY A 132 7.96 -2.79 12.91
CA GLY A 132 9.14 -1.97 13.13
C GLY A 132 10.43 -2.63 12.77
N ARG A 133 11.46 -1.80 12.55
CA ARG A 133 12.79 -2.26 12.20
C ARG A 133 13.88 -1.21 12.54
N ASP A 134 13.84 -0.71 13.78
CA ASP A 134 14.77 0.32 14.30
C ASP A 134 14.86 1.62 13.46
N ASN A 135 14.93 1.47 12.15
CA ASN A 135 15.10 2.60 11.28
C ASN A 135 14.27 2.49 10.00
N ARG A 136 14.42 1.37 9.28
CA ARG A 136 13.83 1.20 7.94
C ARG A 136 12.53 0.38 7.98
N THR A 137 11.38 1.07 8.03
CA THR A 137 10.10 0.45 8.45
C THR A 137 8.83 0.94 7.72
N ILE A 138 7.69 0.36 8.10
CA ILE A 138 6.38 0.70 7.52
C ILE A 138 5.33 0.94 8.61
N ILE A 139 4.37 1.81 8.31
CA ILE A 139 3.35 2.18 9.26
C ILE A 139 2.01 1.79 8.73
N SER A 140 1.00 1.94 9.59
CA SER A 140 -0.39 1.92 9.20
C SER A 140 -1.14 2.78 10.21
N LEU A 141 -1.52 3.99 9.79
CA LEU A 141 -2.31 4.92 10.60
C LEU A 141 -3.81 4.69 10.44
N ASN A 142 -4.55 4.74 11.54
CA ASN A 142 -5.98 4.48 11.50
C ASN A 142 -6.76 5.31 12.48
N LYS A 143 -7.41 6.34 11.95
CA LYS A 143 -8.25 7.27 12.73
C LYS A 143 -9.72 7.17 12.38
N TYR A 144 -10.59 7.40 13.37
CA TYR A 144 -12.05 7.42 13.15
C TYR A 144 -12.45 8.49 12.13
N TYR A 145 -11.95 9.70 12.32
CA TYR A 145 -12.44 10.88 11.64
C TYR A 145 -12.92 10.54 10.25
N ASN A 146 -13.71 11.41 9.67
CA ASN A 146 -14.19 11.18 8.32
C ASN A 146 -13.12 11.38 7.21
N LEU A 147 -13.05 10.43 6.27
CA LEU A 147 -12.50 10.67 4.89
C LEU A 147 -13.21 9.87 3.80
N THR A 148 -13.54 10.54 2.70
CA THR A 148 -14.19 9.92 1.55
C THR A 148 -13.35 10.05 0.31
N MET A 149 -13.51 9.12 -0.62
CA MET A 149 -12.77 9.22 -1.86
C MET A 149 -13.47 8.51 -2.99
N LYS A 150 -14.27 9.24 -3.76
CA LYS A 150 -14.92 8.66 -4.92
C LYS A 150 -14.27 9.10 -6.21
N CYS A 151 -14.11 8.15 -7.11
CA CYS A 151 -13.63 8.46 -8.45
C CYS A 151 -14.73 8.57 -9.49
N ARG A 152 -14.52 9.53 -10.39
CA ARG A 152 -15.33 9.81 -11.54
C ARG A 152 -14.43 9.48 -12.73
N GLY A 153 -14.76 8.39 -13.43
CA GLY A 153 -13.93 7.76 -14.47
C GLY A 153 -13.06 8.61 -15.40
N ALA A 154 -13.54 9.81 -15.75
CA ALA A 154 -12.84 10.72 -16.70
C ALA A 154 -11.35 10.81 -16.44
N GLY A 155 -11.01 10.75 -15.16
CA GLY A 155 -9.67 10.82 -14.66
C GLY A 155 -9.57 11.83 -13.53
N TRP A 156 -10.64 11.99 -12.77
CA TRP A 156 -10.64 12.97 -11.69
C TRP A 156 -11.43 12.43 -10.51
N CYS A 157 -10.82 12.48 -9.32
CA CYS A 157 -11.36 11.84 -8.09
C CYS A 157 -11.80 12.81 -6.99
N TRP A 158 -12.88 12.43 -6.31
CA TRP A 158 -13.53 13.32 -5.36
C TRP A 158 -13.38 12.85 -3.92
N PHE A 159 -13.66 13.75 -2.98
CA PHE A 159 -13.46 13.51 -1.54
C PHE A 159 -14.53 14.17 -0.67
N GLY A 160 -14.41 13.90 0.63
CA GLY A 160 -15.14 14.57 1.69
C GLY A 160 -14.50 14.20 3.03
N GLY A 161 -14.45 15.17 3.96
CA GLY A 161 -13.81 14.98 5.27
C GLY A 161 -12.99 16.17 5.74
N ASN A 162 -12.36 16.04 6.90
CA ASN A 162 -11.53 17.12 7.50
C ASN A 162 -10.02 17.00 7.22
N TRP A 163 -9.66 16.61 5.98
CA TRP A 163 -8.30 16.07 5.69
C TRP A 163 -7.11 16.89 6.20
N LYS A 164 -7.26 18.22 6.21
CA LYS A 164 -6.26 19.10 6.82
C LYS A 164 -6.03 18.67 8.27
N ASP A 165 -7.12 18.69 9.02
CA ASP A 165 -7.12 18.38 10.45
C ASP A 165 -6.64 16.95 10.71
N ALA A 166 -7.20 16.01 9.95
CA ALA A 166 -6.82 14.61 10.07
C ALA A 166 -5.30 14.39 10.04
N ILE A 167 -4.65 14.87 8.99
CA ILE A 167 -3.20 14.88 8.92
C ILE A 167 -2.66 15.40 10.24
N LYS A 168 -3.19 16.52 10.72
CA LYS A 168 -2.81 17.04 12.02
C LYS A 168 -2.85 15.93 13.04
N GLU A 169 -3.99 15.28 13.19
CA GLU A 169 -4.04 14.17 14.10
C GLU A 169 -2.90 13.29 13.78
N MET A 170 -2.87 12.72 12.58
CA MET A 170 -1.72 11.95 12.14
C MET A 170 -0.40 12.63 12.52
N LYS A 171 -0.31 13.93 12.26
CA LYS A 171 0.89 14.64 12.65
C LYS A 171 0.84 14.84 14.16
N GLN A 172 -0.35 15.05 14.70
CA GLN A 172 -0.52 15.06 16.15
C GLN A 172 -0.17 13.68 16.68
N THR A 173 -0.44 12.65 15.87
CA THR A 173 -0.21 11.25 16.26
C THR A 173 1.24 10.88 16.37
N ILE A 174 1.99 11.17 15.32
CA ILE A 174 3.36 10.66 15.18
C ILE A 174 4.39 11.30 16.14
N VAL A 175 3.93 12.22 16.99
CA VAL A 175 4.79 12.97 17.93
C VAL A 175 4.96 12.27 19.31
N LYS A 176 3.94 11.52 19.71
CA LYS A 176 3.88 10.93 21.04
C LYS A 176 4.77 9.69 21.27
N HIS A 177 5.00 8.92 20.21
CA HIS A 177 5.77 7.65 20.32
C HIS A 177 7.30 7.74 20.07
N PRO A 178 7.77 8.44 19.03
CA PRO A 178 9.14 8.98 19.03
C PRO A 178 9.34 10.03 20.14
N ARG A 179 9.68 9.54 21.33
CA ARG A 179 9.89 10.36 22.53
C ARG A 179 11.29 10.98 22.52
N TYR A 180 11.63 11.73 23.58
CA TYR A 180 12.92 12.41 23.65
C TYR A 180 14.03 11.47 23.26
N THR A 181 14.66 11.79 22.14
CA THR A 181 15.79 11.03 21.64
C THR A 181 16.98 11.25 22.56
N GLY A 182 17.41 12.51 22.67
CA GLY A 182 18.53 12.87 23.55
C GLY A 182 18.65 14.36 23.79
N THR A 183 19.06 15.08 22.76
CA THR A 183 19.24 16.49 22.90
C THR A 183 17.90 17.17 22.93
N ASN A 184 17.91 18.40 23.40
CA ASN A 184 16.77 19.28 23.39
C ASN A 184 16.57 19.75 21.96
N ASN A 185 15.53 19.25 21.28
CA ASN A 185 15.43 19.34 19.80
C ASN A 185 14.22 20.15 19.22
N THR A 186 14.11 20.18 17.87
CA THR A 186 12.97 20.81 17.17
C THR A 186 12.64 20.13 15.82
N ASP A 187 11.37 19.71 15.68
CA ASP A 187 10.86 18.87 14.56
C ASP A 187 10.65 19.63 13.24
N LYS A 188 10.64 18.89 12.11
CA LYS A 188 10.53 19.51 10.76
C LYS A 188 10.17 18.50 9.66
N ILE A 189 8.93 18.01 9.67
CA ILE A 189 8.53 16.96 8.73
C ILE A 189 8.25 17.43 7.32
N ASN A 190 8.79 16.66 6.38
CA ASN A 190 8.55 16.78 4.95
C ASN A 190 8.55 15.36 4.29
N LEU A 191 8.09 15.30 3.04
CA LEU A 191 7.89 14.04 2.26
C LEU A 191 8.70 14.01 0.94
N THR A 192 8.97 12.80 0.44
CA THR A 192 9.63 12.60 -0.84
C THR A 192 9.27 11.21 -1.39
N ALA A 193 10.13 10.22 -1.13
CA ALA A 193 9.90 8.80 -1.49
C ALA A 193 10.60 8.35 -2.78
N PRO A 194 11.75 8.95 -3.12
CA PRO A 194 12.39 8.66 -4.39
C PRO A 194 13.23 7.40 -4.32
N ARG A 195 14.53 7.52 -4.53
CA ARG A 195 15.50 6.43 -4.37
C ARG A 195 16.56 6.37 -5.49
N GLY A 196 17.78 6.82 -5.17
CA GLY A 196 18.90 6.76 -6.11
C GLY A 196 18.88 7.86 -7.17
N GLY A 197 17.69 8.48 -7.33
CA GLY A 197 17.46 9.56 -8.30
C GLY A 197 16.37 10.55 -7.89
N ASP A 198 16.31 11.69 -8.59
CA ASP A 198 15.34 12.74 -8.28
C ASP A 198 14.17 12.88 -9.29
N PRO A 199 12.95 12.59 -8.82
CA PRO A 199 11.74 12.96 -9.55
C PRO A 199 11.28 14.31 -9.02
N GLU A 200 9.99 14.41 -8.68
CA GLU A 200 9.49 15.55 -7.93
C GLU A 200 7.97 15.62 -8.00
N VAL A 201 7.31 14.47 -7.85
CA VAL A 201 5.84 14.41 -8.00
C VAL A 201 5.17 13.34 -7.09
N THR A 202 3.92 13.58 -6.69
CA THR A 202 3.20 12.69 -5.77
C THR A 202 2.09 11.91 -6.45
N PHE A 203 2.41 10.72 -6.94
CA PHE A 203 1.39 9.89 -7.58
C PHE A 203 0.72 8.91 -6.63
N MET A 204 -0.52 8.55 -6.95
CA MET A 204 -1.30 7.52 -6.25
C MET A 204 -2.06 6.78 -7.37
N TRP A 205 -2.37 5.49 -7.15
CA TRP A 205 -3.22 4.73 -8.08
C TRP A 205 -4.57 4.43 -7.43
N THR A 206 -5.59 4.07 -8.22
CA THR A 206 -6.81 3.50 -7.62
C THR A 206 -7.51 2.41 -8.43
N ASN A 207 -7.74 1.29 -7.76
CA ASN A 207 -8.56 0.20 -8.27
C ASN A 207 -9.96 0.27 -7.65
N CYS A 208 -10.97 0.19 -8.51
CA CYS A 208 -12.35 -0.03 -8.10
C CYS A 208 -13.18 -0.37 -9.32
N ARG A 209 -13.49 -1.67 -9.43
CA ARG A 209 -14.27 -2.28 -10.52
C ARG A 209 -13.43 -2.66 -11.75
N GLY A 210 -12.11 -2.75 -11.57
CA GLY A 210 -11.24 -3.35 -12.60
C GLY A 210 -10.24 -2.49 -13.35
N GLU A 211 -10.58 -1.23 -13.57
CA GLU A 211 -9.71 -0.33 -14.31
C GLU A 211 -8.62 0.23 -13.38
N PHE A 212 -7.39 0.22 -13.85
CA PHE A 212 -6.23 0.56 -13.05
C PHE A 212 -5.77 1.97 -13.32
N LEU A 213 -6.36 2.92 -12.60
CA LEU A 213 -6.31 4.37 -12.88
C LEU A 213 -5.24 5.13 -12.09
N TYR A 214 -4.44 5.97 -12.78
CA TYR A 214 -3.27 6.69 -12.19
C TYR A 214 -3.57 8.17 -11.89
N CYS A 215 -3.03 8.72 -10.79
CA CYS A 215 -3.34 10.10 -10.39
C CYS A 215 -2.13 10.99 -10.02
N LYS A 216 -2.08 12.21 -10.61
CA LYS A 216 -1.03 13.25 -10.39
C LYS A 216 -1.24 14.11 -9.14
N MET A 217 -1.11 13.53 -7.94
CA MET A 217 -1.67 14.15 -6.72
C MET A 217 -0.74 15.07 -5.92
N ASN A 218 -0.85 16.38 -6.15
CA ASN A 218 0.07 17.35 -5.54
C ASN A 218 -0.54 18.38 -4.58
N TRP A 219 -1.74 18.85 -4.90
CA TRP A 219 -2.38 19.87 -4.07
C TRP A 219 -2.69 19.21 -2.72
N PHE A 220 -3.25 18.01 -2.81
CA PHE A 220 -3.43 17.07 -1.69
C PHE A 220 -2.15 16.95 -0.86
N LEU A 221 -1.01 17.07 -1.54
CA LEU A 221 0.28 16.78 -0.95
C LEU A 221 1.21 17.94 -1.22
N ASN A 222 0.96 19.00 -0.45
CA ASN A 222 1.61 20.27 -0.61
C ASN A 222 2.10 20.81 0.75
N TRP A 223 1.93 19.99 1.80
CA TRP A 223 2.14 20.40 3.21
C TRP A 223 3.56 20.14 3.80
N VAL A 224 4.18 21.23 4.27
CA VAL A 224 5.42 21.17 5.07
C VAL A 224 5.05 21.20 6.57
N GLU A 225 5.65 20.31 7.34
CA GLU A 225 5.31 20.17 8.75
C GLU A 225 6.37 20.75 9.65
N ASP A 226 5.90 21.38 10.73
CA ASP A 226 6.75 21.90 11.80
C ASP A 226 6.15 21.66 13.20
N ARG A 227 6.99 21.70 14.24
CA ARG A 227 6.54 21.55 15.64
C ARG A 227 5.53 22.65 16.04
N ASP A 228 6.01 23.86 16.32
CA ASP A 228 5.11 24.94 16.74
C ASP A 228 5.15 26.14 15.78
N VAL A 229 4.00 26.41 15.17
CA VAL A 229 3.90 27.26 13.94
C VAL A 229 3.10 28.58 14.11
N THR A 230 3.01 29.37 13.02
CA THR A 230 2.14 30.55 12.90
C THR A 230 1.82 30.83 11.44
N ASN A 231 0.65 31.42 11.18
CA ASN A 231 0.24 31.77 9.83
C ASN A 231 -0.46 33.11 9.71
N GLN A 232 -0.37 33.89 10.78
CA GLN A 232 -0.95 35.24 10.84
C GLN A 232 -0.26 36.19 9.86
N ARG A 233 1.06 36.34 9.99
CA ARG A 233 1.86 37.09 9.04
C ARG A 233 2.22 36.26 7.79
N PRO A 234 2.41 34.93 7.94
CA PRO A 234 2.47 33.99 6.79
C PRO A 234 1.31 34.03 5.78
N LYS A 235 1.52 33.35 4.65
CA LYS A 235 0.76 33.59 3.42
C LYS A 235 -0.53 32.78 3.29
N GLU A 236 -1.45 33.30 2.45
CA GLU A 236 -2.79 32.74 2.23
C GLU A 236 -3.31 32.93 0.80
N ARG A 237 -3.57 31.81 0.11
CA ARG A 237 -4.23 31.82 -1.20
C ARG A 237 -5.31 30.74 -1.14
N HIS A 238 -6.32 30.84 -2.01
CA HIS A 238 -7.41 29.87 -1.98
C HIS A 238 -7.40 28.80 -3.07
N ARG A 239 -7.28 27.55 -2.60
CA ARG A 239 -7.12 26.35 -3.43
C ARG A 239 -8.14 25.25 -3.12
N ARG A 240 -8.52 24.52 -4.17
CA ARG A 240 -9.52 23.44 -4.06
C ARG A 240 -9.13 22.20 -4.84
N ASN A 241 -9.93 21.14 -4.76
CA ASN A 241 -9.42 19.83 -5.18
C ASN A 241 -10.28 18.71 -5.76
N TYR A 242 -9.65 18.07 -6.76
CA TYR A 242 -10.16 16.96 -7.56
C TYR A 242 -8.88 16.14 -7.87
N VAL A 243 -8.92 15.21 -8.82
CA VAL A 243 -7.71 14.41 -9.07
C VAL A 243 -7.44 14.18 -10.57
N PRO A 244 -6.31 14.70 -11.07
CA PRO A 244 -6.01 14.70 -12.49
C PRO A 244 -5.51 13.36 -12.85
N CYS A 245 -6.39 12.38 -12.72
CA CYS A 245 -6.05 11.01 -12.97
C CYS A 245 -6.03 10.80 -14.47
N HIS A 246 -5.09 9.99 -14.94
CA HIS A 246 -5.10 9.48 -16.32
C HIS A 246 -4.73 7.98 -16.35
N ILE A 247 -5.74 7.12 -16.56
CA ILE A 247 -5.59 5.65 -16.50
C ILE A 247 -4.32 5.29 -17.20
N ARG A 248 -3.57 4.36 -16.64
CA ARG A 248 -2.38 3.93 -17.33
C ARG A 248 -2.36 2.43 -17.36
N GLN A 249 -3.34 1.85 -18.05
CA GLN A 249 -3.41 0.39 -18.25
C GLN A 249 -1.98 -0.16 -18.37
N ILE A 250 -1.23 0.51 -19.24
CA ILE A 250 0.21 0.40 -19.36
C ILE A 250 0.84 1.17 -18.19
N ILE A 251 1.12 0.46 -17.08
CA ILE A 251 1.47 1.13 -15.80
C ILE A 251 2.92 1.68 -15.71
N ASN A 252 3.04 3.00 -15.64
CA ASN A 252 4.30 3.75 -15.74
C ASN A 252 5.26 3.62 -14.58
N THR A 253 4.99 2.64 -13.73
CA THR A 253 5.74 2.31 -12.49
C THR A 253 6.37 3.48 -11.69
N TRP A 254 5.99 3.54 -10.41
CA TRP A 254 6.33 4.64 -9.50
C TRP A 254 7.76 4.55 -8.95
N HIS A 255 7.92 3.68 -7.95
CA HIS A 255 9.21 3.33 -7.31
C HIS A 255 10.30 2.98 -8.33
N LYS A 256 9.93 2.82 -9.60
CA LYS A 256 10.89 2.71 -10.71
C LYS A 256 10.27 3.12 -12.06
N VAL A 257 10.88 4.10 -12.74
CA VAL A 257 10.37 4.57 -14.05
C VAL A 257 10.43 3.44 -15.09
N GLY A 258 9.54 2.45 -14.87
CA GLY A 258 9.42 1.26 -15.70
C GLY A 258 7.96 1.11 -16.11
N LYS A 259 7.59 -0.10 -16.55
CA LYS A 259 6.22 -0.31 -17.06
C LYS A 259 5.57 -1.67 -16.78
N ASN A 260 4.23 -1.65 -16.60
CA ASN A 260 3.41 -2.86 -16.47
C ASN A 260 2.01 -2.59 -17.01
N VAL A 261 1.16 -3.63 -17.04
CA VAL A 261 -0.18 -3.57 -17.64
C VAL A 261 -1.06 -4.63 -17.00
N TYR A 262 -2.39 -4.55 -17.21
CA TYR A 262 -3.31 -5.65 -16.87
C TYR A 262 -4.65 -5.67 -17.59
N LEU A 263 -5.22 -6.86 -17.80
CA LEU A 263 -6.35 -7.04 -18.72
C LEU A 263 -7.70 -7.09 -18.02
N PRO A 264 -8.37 -5.95 -17.97
CA PRO A 264 -9.51 -5.72 -17.07
C PRO A 264 -10.89 -6.03 -17.66
N PRO A 265 -11.93 -5.96 -16.83
CA PRO A 265 -13.31 -5.86 -17.31
C PRO A 265 -13.79 -4.41 -17.16
N ARG A 266 -15.11 -4.17 -17.26
CA ARG A 266 -15.70 -2.79 -17.27
C ARG A 266 -17.24 -2.74 -17.41
N GLU A 267 -17.85 -1.69 -16.85
CA GLU A 267 -19.29 -1.41 -17.01
C GLU A 267 -19.54 -0.08 -17.71
N GLY A 268 -18.90 0.11 -18.87
CA GLY A 268 -19.01 1.33 -19.67
C GLY A 268 -18.74 2.58 -18.86
N ASP A 269 -19.81 3.12 -18.27
CA ASP A 269 -19.75 4.26 -17.35
C ASP A 269 -19.57 3.73 -15.91
N LEU A 270 -18.31 3.47 -15.55
CA LEU A 270 -17.94 3.18 -14.16
C LEU A 270 -17.49 4.48 -13.53
N THR A 271 -18.04 4.77 -12.36
CA THR A 271 -17.69 5.98 -11.67
C THR A 271 -17.31 5.58 -10.27
N CYS A 272 -16.05 5.18 -10.15
CA CYS A 272 -15.45 4.72 -8.89
C CYS A 272 -16.03 5.28 -7.60
N ASN A 273 -15.83 4.54 -6.51
CA ASN A 273 -16.17 4.97 -5.15
C ASN A 273 -15.40 4.10 -4.16
N SER A 274 -15.16 4.62 -2.94
CA SER A 274 -14.45 3.91 -1.87
C SER A 274 -14.47 4.67 -0.52
N THR A 275 -14.54 3.92 0.58
CA THR A 275 -14.44 4.50 1.93
C THR A 275 -12.99 4.56 2.38
N VAL A 276 -12.57 5.71 2.88
CA VAL A 276 -11.20 5.84 3.36
C VAL A 276 -11.18 5.43 4.81
N THR A 277 -10.08 4.81 5.21
CA THR A 277 -9.83 4.60 6.62
C THR A 277 -8.35 4.46 6.83
N SER A 278 -7.73 3.60 6.04
CA SER A 278 -6.40 3.10 6.38
C SER A 278 -5.27 3.75 5.61
N LEU A 279 -4.93 4.94 6.08
CA LEU A 279 -3.85 5.73 5.57
C LEU A 279 -2.51 5.11 5.93
N ILE A 280 -1.64 5.00 4.93
CA ILE A 280 -0.37 4.27 5.06
C ILE A 280 0.84 5.15 4.93
N ALA A 281 2.00 4.60 5.30
CA ALA A 281 3.30 5.26 5.12
C ALA A 281 4.56 4.44 5.52
N ASN A 282 5.69 4.80 4.91
CA ASN A 282 6.98 4.20 5.13
C ASN A 282 7.91 5.33 5.56
N ILE A 283 7.74 5.78 6.80
CA ILE A 283 8.48 6.95 7.33
C ILE A 283 9.99 6.66 7.43
N ASP A 284 10.80 7.61 6.94
CA ASP A 284 12.27 7.48 6.95
C ASP A 284 12.90 8.44 7.96
N TRP A 285 13.62 7.88 8.94
CA TRP A 285 14.20 8.66 10.03
C TRP A 285 15.66 8.27 10.36
N THR A 286 16.38 7.70 9.39
CA THR A 286 17.81 7.28 9.56
C THR A 286 18.74 8.42 10.00
N ASP A 287 19.70 8.10 10.87
CA ASP A 287 20.54 9.07 11.62
C ASP A 287 21.00 10.30 10.81
N GLY A 288 20.61 11.48 11.28
CA GLY A 288 20.92 12.75 10.58
C GLY A 288 19.84 13.80 10.74
N ASN A 289 19.41 14.40 9.63
CA ASN A 289 18.32 15.40 9.63
C ASN A 289 17.13 15.07 8.71
N GLN A 290 16.34 14.02 9.03
CA GLN A 290 15.14 13.65 8.20
C GLN A 290 14.03 12.74 8.78
N THR A 291 12.78 13.21 8.72
CA THR A 291 11.60 12.38 9.01
C THR A 291 10.75 12.25 7.74
N ASN A 292 11.00 11.16 7.01
CA ASN A 292 10.65 11.04 5.59
C ASN A 292 9.47 10.13 5.28
N ILE A 293 8.27 10.71 5.24
CA ILE A 293 7.06 9.97 4.92
C ILE A 293 7.03 9.54 3.46
N THR A 294 6.48 8.37 3.21
CA THR A 294 6.48 7.76 1.87
C THR A 294 5.13 7.03 1.67
N MET A 295 4.82 6.65 0.43
CA MET A 295 3.50 6.11 0.13
C MET A 295 3.42 4.85 -0.74
N SER A 296 4.48 4.03 -0.72
CA SER A 296 4.50 2.77 -1.45
C SER A 296 4.01 1.71 -0.48
N ALA A 297 2.91 1.03 -0.83
CA ALA A 297 2.31 -0.08 0.00
C ALA A 297 1.13 -0.82 -0.69
N GLU A 298 1.47 -1.69 -1.64
CA GLU A 298 0.55 -2.23 -2.66
C GLU A 298 -0.36 -3.40 -2.18
N VAL A 299 -0.67 -4.34 -3.09
CA VAL A 299 -1.74 -5.39 -2.94
C VAL A 299 -1.63 -6.37 -1.76
N ALA A 300 -0.41 -6.61 -1.33
CA ALA A 300 -0.17 -7.47 -0.18
C ALA A 300 -0.51 -6.75 1.12
N GLU A 301 -0.71 -5.44 1.04
CA GLU A 301 -1.18 -4.65 2.18
C GLU A 301 -2.68 -4.81 2.35
N LEU A 302 -3.36 -5.05 1.21
CA LEU A 302 -4.79 -5.36 1.15
C LEU A 302 -5.14 -6.48 2.12
N TYR A 303 -4.47 -7.60 1.92
CA TYR A 303 -4.70 -8.76 2.74
C TYR A 303 -4.02 -8.58 4.10
N ARG A 304 -2.81 -8.01 4.06
CA ARG A 304 -2.11 -7.53 5.26
C ARG A 304 -3.02 -6.65 6.06
N LEU A 305 -3.97 -6.02 5.38
CA LEU A 305 -4.94 -5.12 6.00
C LEU A 305 -5.88 -5.90 6.95
N GLU A 306 -6.23 -7.13 6.58
CA GLU A 306 -7.26 -7.94 7.28
C GLU A 306 -6.65 -8.87 8.34
N LEU A 307 -5.64 -9.62 7.91
CA LEU A 307 -4.95 -10.57 8.77
C LEU A 307 -4.14 -9.89 9.89
N GLY A 308 -2.86 -9.73 9.58
CA GLY A 308 -1.89 -8.99 10.36
C GLY A 308 -0.78 -8.77 9.36
N ASP A 309 -0.39 -9.84 8.68
CA ASP A 309 0.75 -9.85 7.77
C ASP A 309 0.55 -10.91 6.70
N TYR A 310 0.65 -10.56 5.43
CA TYR A 310 0.47 -11.55 4.40
C TYR A 310 1.49 -12.66 4.64
N LYS A 311 1.03 -13.90 4.46
CA LYS A 311 1.90 -15.03 4.10
C LYS A 311 1.32 -15.68 2.85
N LEU A 312 2.16 -15.79 1.82
CA LEU A 312 1.76 -16.37 0.56
C LEU A 312 2.66 -17.54 0.34
N VAL A 313 2.43 -18.23 -0.77
CA VAL A 313 3.27 -19.32 -1.21
C VAL A 313 2.57 -20.03 -2.37
C1 NAG B . -5.25 -4.63 20.41
C2 NAG B . -4.69 -4.86 21.79
C3 NAG B . -5.66 -5.72 22.63
C4 NAG B . -7.09 -5.13 22.61
C5 NAG B . -7.47 -4.77 21.15
C6 NAG B . -8.80 -4.05 20.96
C7 NAG B . -2.27 -4.77 21.77
C8 NAG B . -1.45 -4.96 23.03
N2 NAG B . -3.38 -5.49 21.69
O3 NAG B . -5.14 -5.91 23.94
O4 NAG B . -8.04 -6.07 23.12
O5 NAG B . -6.49 -3.97 20.53
O6 NAG B . -9.18 -3.55 22.21
O7 NAG B . -1.88 -3.98 20.88
C1 NAG B . -8.44 -5.92 24.51
C2 NAG B . -9.55 -6.97 24.80
C3 NAG B . -9.75 -7.34 26.29
C4 NAG B . -8.45 -7.28 27.12
C5 NAG B . -7.65 -6.02 26.76
C6 NAG B . -6.35 -5.88 27.55
C7 NAG B . -11.06 -6.42 22.89
C8 NAG B . -12.13 -5.44 22.50
N2 NAG B . -10.81 -6.52 24.21
O3 NAG B . -10.33 -8.64 26.44
O4 NAG B . -8.72 -7.35 28.52
O5 NAG B . -7.33 -6.06 25.38
O6 NAG B . -5.25 -5.73 26.61
O7 NAG B . -10.46 -7.05 22.01
C1 BMA B . -7.99 -8.46 29.09
C2 BMA B . -7.06 -8.07 30.25
C3 BMA B . -6.30 -9.28 30.81
C4 BMA B . -7.27 -10.46 31.05
C5 BMA B . -8.08 -10.68 29.75
C6 BMA B . -8.98 -11.90 29.76
O2 BMA B . -7.76 -7.46 31.33
O3 BMA B . -5.64 -8.90 32.00
O4 BMA B . -6.62 -11.65 31.45
O5 BMA B . -8.84 -9.53 29.45
O6 BMA B . -9.11 -12.30 28.38
C1 FUC B . -9.37 -2.15 22.17
C2 FUC B . -8.80 -1.73 23.53
C3 FUC B . -9.22 -0.30 23.83
C4 FUC B . -10.74 -0.12 23.74
C5 FUC B . -11.36 -0.77 22.47
C6 FUC B . -12.86 -1.06 22.59
O2 FUC B . -7.40 -1.92 23.55
O3 FUC B . -8.81 0.01 25.15
O4 FUC B . -11.35 -0.61 24.91
O5 FUC B . -10.78 -2.01 22.11
C1 NAG C . -16.72 -1.63 2.33
C2 NAG C . -17.10 -1.93 0.88
C3 NAG C . -18.18 -0.98 0.35
C4 NAG C . -19.14 -0.37 1.41
C5 NAG C . -18.64 -0.47 2.86
C6 NAG C . -19.74 -0.46 3.91
C7 NAG C . -14.87 -2.66 0.22
C8 NAG C . -13.56 -1.96 0.44
N2 NAG C . -15.92 -1.87 0.01
O3 NAG C . -18.91 -1.73 -0.60
O4 NAG C . -19.25 1.02 1.14
O5 NAG C . -17.91 -1.67 3.07
O6 NAG C . -19.43 -1.54 4.75
O7 NAG C . -14.95 -3.88 0.26
C1 NAG C . -20.52 1.40 0.54
C2 NAG C . -21.13 2.71 1.11
C3 NAG C . -22.41 3.21 0.35
C4 NAG C . -22.64 2.68 -1.10
C5 NAG C . -21.82 1.43 -1.43
C6 NAG C . -21.77 1.15 -2.91
C7 NAG C . -21.29 3.63 3.47
C8 NAG C . -20.19 3.46 4.47
N2 NAG C . -21.39 2.62 2.56
O3 NAG C . -22.46 4.63 0.36
O4 NAG C . -24.01 2.32 -1.36
O5 NAG C . -20.50 1.50 -0.88
O6 NAG C . -20.49 0.61 -3.16
O7 NAG C . -22.02 4.63 3.51
C1 BMA C . -25.02 3.36 -1.22
C2 BMA C . -26.40 2.75 -1.56
C3 BMA C . -27.63 3.49 -0.94
C4 BMA C . -27.35 4.29 0.34
C5 BMA C . -25.96 4.96 0.28
C6 BMA C . -25.50 5.66 1.57
O2 BMA C . -26.40 1.38 -1.20
O3 BMA C . -28.69 2.57 -0.68
O4 BMA C . -28.42 5.19 0.51
O5 BMA C . -25.01 3.94 0.07
O6 BMA C . -25.93 7.00 1.68
C1 MAN C . -29.76 2.62 -1.67
C2 MAN C . -30.85 1.65 -1.27
C3 MAN C . -30.27 0.23 -1.33
C4 MAN C . -29.72 -0.10 -2.72
C5 MAN C . -28.90 1.04 -3.33
C6 MAN C . -28.80 0.97 -4.85
O2 MAN C . -31.95 1.82 -2.15
O3 MAN C . -31.21 -0.75 -0.95
O4 MAN C . -28.93 -1.28 -2.61
O5 MAN C . -29.40 2.34 -3.02
O6 MAN C . -29.91 1.65 -5.42
C1 MAN C . -26.84 7.05 2.80
C2 MAN C . -28.29 7.29 2.31
C3 MAN C . -28.64 8.77 2.27
C4 MAN C . -28.22 9.43 3.57
C5 MAN C . -26.70 9.27 3.76
C6 MAN C . -26.07 10.01 4.94
O2 MAN C . -29.22 6.56 3.07
O3 MAN C . -30.01 8.94 2.01
O4 MAN C . -28.57 10.79 3.57
O5 MAN C . -26.39 7.89 3.86
O6 MAN C . -27.01 10.56 5.85
C1 FUC C . -20.59 -2.02 5.44
C2 FUC C . -20.08 -2.16 6.86
C3 FUC C . -21.17 -2.74 7.78
C4 FUC C . -21.85 -3.99 7.17
C5 FUC C . -22.11 -3.87 5.64
C6 FUC C . -22.46 -5.21 5.00
O2 FUC C . -19.63 -0.90 7.31
O3 FUC C . -20.54 -3.07 9.01
O4 FUC C . -21.05 -5.13 7.40
O5 FUC C . -20.99 -3.31 4.97
C1 NAG D . -12.24 9.95 21.09
C2 NAG D . -13.14 11.18 21.13
C3 NAG D . -12.23 12.41 21.10
C4 NAG D . -11.43 12.35 22.43
C5 NAG D . -10.64 11.02 22.46
C6 NAG D . -9.88 10.73 23.74
C7 NAG D . -14.93 10.04 19.86
C8 NAG D . -15.77 10.07 18.62
N2 NAG D . -14.15 11.11 20.08
O3 NAG D . -12.92 13.63 20.90
O4 NAG D . -10.65 13.52 22.67
O5 NAG D . -11.51 9.92 22.30
O6 NAG D . -8.50 10.65 23.44
O7 NAG D . -14.99 9.03 20.59
C1 NAG D . -11.14 14.14 23.90
C2 NAG D . -10.04 14.40 24.95
C3 NAG D . -10.46 15.31 26.14
C4 NAG D . -11.77 16.10 25.99
C5 NAG D . -12.70 15.58 24.88
C6 NAG D . -13.83 16.56 24.60
C7 NAG D . -10.13 12.42 26.45
C8 NAG D . -9.28 12.05 27.63
N2 NAG D . -9.54 13.14 25.49
O3 NAG D . -9.41 16.23 26.40
O4 NAG D . -12.44 16.08 27.24
O5 NAG D . -11.94 15.30 23.70
O6 NAG D . -14.99 16.18 25.31
O7 NAG D . -11.29 12.05 26.39
C1 FUC D . -7.71 10.65 24.64
C2 FUC D . -6.59 11.70 24.52
C3 FUC D . -5.22 11.06 24.84
C4 FUC D . -5.01 9.78 24.05
C5 FUC D . -6.25 8.86 24.04
C6 FUC D . -6.84 8.68 22.64
O2 FUC D . -6.84 12.84 25.31
O3 FUC D . -4.17 11.98 24.55
O4 FUC D . -4.62 10.10 22.72
O5 FUC D . -7.23 9.36 24.94
C1 NAG E . 18.68 2.91 13.90
C2 NAG E . 18.88 4.01 14.96
C3 NAG E . 20.37 4.23 15.28
C4 NAG E . 21.05 2.94 15.70
C5 NAG E . 20.87 2.03 14.46
C6 NAG E . 21.73 0.78 14.50
C7 NAG E . 17.07 5.67 14.85
C8 NAG E . 16.92 7.14 15.12
N2 NAG E . 18.28 5.26 14.50
O3 NAG E . 20.57 5.25 16.25
O4 NAG E . 22.42 3.17 16.05
O5 NAG E . 19.48 1.78 14.22
O6 NAG E . 21.07 -0.40 14.96
O7 NAG E . 16.10 4.93 14.94
C1 NAG E . 22.65 3.10 17.48
C2 NAG E . 24.10 2.76 17.77
C3 NAG E . 24.35 2.61 19.28
C4 NAG E . 23.49 3.46 20.22
C5 NAG E . 22.24 4.10 19.58
C6 NAG E . 21.98 5.46 20.22
C7 NAG E . 25.24 0.57 17.49
C8 NAG E . 24.50 -0.69 17.82
N2 NAG E . 24.50 1.57 17.02
O3 NAG E . 25.71 2.89 19.56
O4 NAG E . 23.06 2.67 21.30
O5 NAG E . 22.38 4.29 18.18
O6 NAG E . 23.17 6.24 20.16
O7 NAG E . 26.45 0.67 17.65
C1 FUC E . 21.99 -1.53 14.98
C2 FUC E . 22.75 -1.69 13.65
C3 FUC E . 23.58 -2.99 13.63
C4 FUC E . 22.69 -4.16 13.99
C5 FUC E . 22.05 -3.90 15.35
C6 FUC E . 21.06 -5.00 15.72
O2 FUC E . 23.61 -0.60 13.40
O3 FUC E . 24.10 -3.20 12.34
O4 FUC E . 21.67 -4.31 13.02
O5 FUC E . 21.29 -2.72 15.33
C1 NAG F . -18.91 12.07 9.17
C2 NAG F . -20.01 12.80 8.39
C3 NAG F . -21.20 13.14 9.29
C4 NAG F . -21.37 12.24 10.52
C5 NAG F . -20.41 11.05 10.69
C6 NAG F . -21.13 9.73 10.93
C7 NAG F . -19.42 13.96 6.35
C8 NAG F . -20.68 14.34 5.60
N2 NAG F . -19.49 13.97 7.69
O3 NAG F . -22.42 13.18 8.57
O4 NAG F . -21.17 13.08 11.61
O5 NAG F . -19.51 10.86 9.62
O6 NAG F . -22.49 9.85 10.59
O7 NAG F . -18.39 13.66 5.74
C1 NAG F . -22.33 13.08 12.45
C2 NAG F . -21.93 13.89 13.69
C3 NAG F . -23.11 14.14 14.64
C4 NAG F . -24.43 14.43 13.90
C5 NAG F . -24.62 13.53 12.66
C6 NAG F . -25.87 13.82 11.80
C7 NAG F . -19.95 12.38 13.99
C8 NAG F . -20.06 10.99 14.55
N2 NAG F . -20.84 13.26 14.44
O3 NAG F . -22.76 15.21 15.49
O4 NAG F . -25.48 14.28 14.86
O5 NAG F . -23.49 13.61 11.83
O6 NAG F . -25.71 13.25 10.50
O7 NAG F . -19.07 12.66 13.15
C1 BMA F . -25.86 15.59 15.36
C2 BMA F . -27.24 15.59 16.00
C3 BMA F . -27.66 17.04 16.21
C4 BMA F . -26.62 17.80 17.03
C5 BMA F . -25.19 17.53 16.53
C6 BMA F . -24.15 18.08 17.51
O2 BMA F . -27.20 14.93 17.26
O3 BMA F . -28.90 17.08 16.87
O4 BMA F . -26.90 19.17 16.87
O5 BMA F . -24.98 16.15 16.33
O6 BMA F . -23.86 17.12 18.51
C1 FUC F . -22.83 8.79 9.68
C2 FUC F . -24.27 9.05 9.27
C3 FUC F . -24.72 7.98 8.27
C4 FUC F . -24.47 6.54 8.78
C5 FUC F . -23.04 6.38 9.30
C6 FUC F . -22.83 5.02 9.97
O2 FUC F . -24.39 10.35 8.72
O3 FUC F . -26.08 8.18 7.97
O4 FUC F . -25.44 6.16 9.73
O5 FUC F . -22.70 7.46 10.18
C1 NAG G . 19.59 21.84 26.02
C2 NAG G . 20.38 22.28 27.26
C3 NAG G . 19.49 22.61 28.45
C4 NAG G . 18.05 23.05 28.16
C5 NAG G . 17.59 22.73 26.76
C6 NAG G . 16.39 23.60 26.39
C7 NAG G . 22.61 21.58 27.99
C8 NAG G . 22.94 22.05 29.38
N2 NAG G . 21.33 21.28 27.68
O3 NAG G . 20.12 23.68 29.13
O4 NAG G . 17.13 22.43 29.03
O5 NAG G . 18.65 22.87 25.83
O6 NAG G . 15.32 23.30 27.25
O7 NAG G . 23.51 21.47 27.16
C1 NAG G . 17.16 23.20 30.23
C2 NAG G . 15.77 23.44 30.80
C3 NAG G . 15.77 23.82 32.29
C4 NAG G . 16.97 23.30 33.09
C5 NAG G . 18.25 23.39 32.25
C6 NAG G . 19.52 22.93 32.96
C7 NAG G . 13.88 24.76 30.04
C8 NAG G . 13.30 25.76 31.00
N2 NAG G . 15.19 24.56 30.10
O3 NAG G . 14.57 23.33 32.85
O4 NAG G . 17.10 24.05 34.26
O5 NAG G . 18.03 22.58 31.14
O6 NAG G . 20.68 23.28 32.17
O7 NAG G . 13.16 24.16 29.23
C1 NAG H . 11.28 20.52 4.63
C2 NAG H . 12.82 20.53 4.55
C3 NAG H . 13.42 21.91 4.75
C4 NAG H . 12.71 22.99 3.96
C5 NAG H . 11.20 22.84 4.08
C6 NAG H . 10.49 23.80 3.14
C7 NAG H . 13.61 18.33 5.46
C8 NAG H . 13.22 17.53 6.67
N2 NAG H . 13.41 19.65 5.55
O3 NAG H . 14.79 21.93 4.39
O4 NAG H . 13.11 24.23 4.48
O5 NAG H . 10.79 21.52 3.77
O6 NAG H . 10.24 23.17 1.91
O7 NAG H . 14.10 17.77 4.46
C1 NAG H . 13.56 25.15 3.46
C2 NAG H . 14.61 26.03 4.11
C3 NAG H . 15.51 26.81 3.14
C4 NAG H . 15.52 26.40 1.65
C5 NAG H . 14.35 25.48 1.29
C6 NAG H . 14.65 24.76 -0.02
C7 NAG H . 14.24 26.82 6.36
C8 NAG H . 13.19 26.10 7.20
N2 NAG H . 13.97 26.91 5.06
O3 NAG H . 16.82 26.63 3.60
O4 NAG H . 15.44 27.51 0.75
O5 NAG H . 14.12 24.54 2.32
O6 NAG H . 16.03 24.45 -0.10
O7 NAG H . 15.30 27.27 6.87
C1 BMA H . 16.70 28.20 0.42
C2 BMA H . 17.50 27.41 -0.63
C3 BMA H . 18.64 28.25 -1.26
C4 BMA H . 18.23 29.69 -1.60
C5 BMA H . 17.64 30.32 -0.35
C6 BMA H . 17.30 31.78 -0.56
O2 BMA H . 16.60 26.86 -1.58
O3 BMA H . 19.21 27.62 -2.40
O4 BMA H . 19.33 30.45 -2.06
O5 BMA H . 16.50 29.56 0.01
O6 BMA H . 18.49 32.55 -0.63
C1 FUC H . 10.15 24.17 0.89
C2 FUC H . 8.77 24.18 0.21
C3 FUC H . 8.91 23.94 -1.30
C4 FUC H . 9.78 22.70 -1.53
C5 FUC H . 11.20 22.92 -0.95
C6 FUC H . 11.84 21.69 -0.30
O2 FUC H . 8.05 25.37 0.51
O3 FUC H . 7.65 23.82 -1.92
O4 FUC H . 9.15 21.58 -0.94
O5 FUC H . 11.22 24.03 -0.06
C1 NAG I . -20.25 6.21 -2.76
C2 NAG I . -21.44 7.04 -3.31
C3 NAG I . -21.33 8.52 -2.94
C4 NAG I . -21.04 8.72 -1.44
C5 NAG I . -19.97 7.74 -0.95
C6 NAG I . -19.83 7.77 0.56
C7 NAG I . -22.96 6.72 -5.14
C8 NAG I . -23.43 5.33 -5.45
N2 NAG I . -21.70 6.85 -4.75
O3 NAG I . -22.49 9.22 -3.39
O4 NAG I . -20.57 10.05 -1.19
O5 NAG I . -20.24 6.40 -1.34
O6 NAG I . -18.48 8.06 0.80
O7 NAG I . -23.73 7.67 -5.23
C1 NAG I . -21.01 10.65 0.05
C2 NAG I . -20.24 11.97 0.20
C3 NAG I . -20.77 12.71 1.40
C4 NAG I . -22.10 13.13 0.80
C5 NAG I . -23.01 11.90 0.86
C6 NAG I . -24.40 12.25 0.32
C7 NAG I . -17.99 12.53 -0.52
C8 NAG I . -17.20 11.83 -1.59
N2 NAG I . -18.80 11.78 0.23
O3 NAG I . -19.97 13.79 1.77
O4 NAG I . -22.66 14.28 1.37
O5 NAG I . -22.44 10.81 0.14
O6 NAG I . -24.66 11.69 -0.96
O7 NAG I . -17.85 13.75 -0.36
C1 BMA I . -22.22 15.40 0.56
C2 BMA I . -23.21 16.59 0.48
C3 BMA I . -22.69 17.91 1.11
C4 BMA I . -21.16 18.12 0.88
C5 BMA I . -20.38 16.90 0.38
C6 BMA I . -18.91 16.95 0.80
O2 BMA I . -24.50 16.28 0.99
O3 BMA I . -23.13 18.05 2.48
O4 BMA I . -20.99 19.10 -0.12
O5 BMA I . -20.91 15.74 0.95
O6 BMA I . -18.26 18.10 0.30
C1 MAN I . -23.31 19.44 2.88
C2 MAN I . -23.83 19.60 4.30
C3 MAN I . -25.34 19.31 4.34
C4 MAN I . -26.14 20.13 3.33
C5 MAN I . -25.49 20.17 1.94
C6 MAN I . -26.06 21.33 1.10
O2 MAN I . -23.47 20.93 4.69
O3 MAN I . -25.84 19.56 5.63
O4 MAN I . -27.43 19.59 3.21
O5 MAN I . -24.07 20.29 2.01
O6 MAN I . -25.65 22.61 1.57
C1 MAN I . -23.90 21.44 6.07
C2 MAN I . -23.66 22.95 6.13
C3 MAN I . -22.19 23.24 5.88
C4 MAN I . -21.39 22.45 6.92
C5 MAN I . -21.72 20.95 6.86
C6 MAN I . -20.99 20.15 7.93
O2 MAN I . -23.92 23.47 7.41
O3 MAN I . -21.99 24.63 5.99
O4 MAN I . -20.00 22.65 6.70
O5 MAN I . -23.11 20.75 7.01
O6 MAN I . -21.85 19.97 9.04
C1 MAN I . -25.41 23.97 7.04
C2 MAN I . -25.82 24.83 8.21
C3 MAN I . -26.15 23.92 9.38
C4 MAN I . -27.08 22.77 9.01
C5 MAN I . -27.09 22.33 7.54
C6 MAN I . -28.48 21.92 7.06
O2 MAN I . -26.94 25.58 7.80
O3 MAN I . -26.80 24.65 10.41
O4 MAN I . -26.65 21.68 9.78
O5 MAN I . -26.56 23.28 6.63
O6 MAN I . -28.36 21.22 5.81
C1 MAN I . -17.57 18.74 1.38
C2 MAN I . -17.69 20.26 1.26
C3 MAN I . -16.83 20.79 0.12
C4 MAN I . -15.41 20.20 0.06
C5 MAN I . -15.24 18.77 0.61
C6 MAN I . -13.87 18.63 1.29
O2 MAN I . -17.29 20.82 2.49
O3 MAN I . -16.70 22.19 0.22
O4 MAN I . -15.01 20.20 -1.29
O5 MAN I . -16.21 18.37 1.58
O6 MAN I . -13.79 19.42 2.45
C1 NAG J . 19.65 19.60 10.67
C2 NAG J . 20.11 20.00 12.09
C3 NAG J . 19.43 21.27 12.64
C4 NAG J . 19.44 22.43 11.65
C5 NAG J . 18.96 21.89 10.30
C6 NAG J . 19.10 22.92 9.20
C7 NAG J . 20.77 17.97 13.22
C8 NAG J . 20.29 16.72 13.93
N2 NAG J . 19.85 18.90 12.99
O3 NAG J . 20.08 21.68 13.82
O4 NAG J . 18.62 23.50 12.12
O5 NAG J . 19.73 20.77 9.88
O6 NAG J . 20.48 23.09 8.98
O7 NAG J . 21.96 18.07 12.89
C1 NAG J . 19.38 24.68 12.54
C2 NAG J . 18.80 26.01 11.96
C3 NAG J . 19.40 27.27 12.62
C4 NAG J . 19.61 27.18 14.15
C5 NAG J . 20.30 25.84 14.47
C6 NAG J . 20.60 25.66 15.97
C7 NAG J . 18.20 26.82 9.63
C8 NAG J . 18.31 26.44 8.18
N2 NAG J . 18.94 26.09 10.50
O3 NAG J . 18.59 28.41 12.33
O4 NAG J . 20.34 28.31 14.66
O5 NAG J . 19.52 24.73 13.97
O6 NAG J . 21.70 26.44 16.37
O7 NAG J . 17.45 27.77 9.91
C1 BMA J . 19.55 29.25 15.46
C2 BMA J . 20.46 30.13 16.36
C3 BMA J . 19.64 31.13 17.22
C4 BMA J . 18.74 31.92 16.27
C5 BMA J . 17.85 30.95 15.48
C6 BMA J . 16.87 31.72 14.61
O2 BMA J . 21.39 30.86 15.58
O3 BMA J . 20.45 31.98 18.04
O4 BMA J . 17.93 32.83 16.98
O5 BMA J . 18.67 30.09 14.69
O6 BMA J . 16.35 30.88 13.59
C1 MAN J . 20.11 31.86 19.45
C2 MAN J . 20.68 33.02 20.32
C3 MAN J . 21.89 32.68 21.23
C4 MAN J . 22.02 31.19 21.57
C5 MAN J . 21.74 30.36 20.31
C6 MAN J . 22.02 28.86 20.42
O2 MAN J . 19.66 33.57 21.12
O3 MAN J . 21.84 33.42 22.44
O4 MAN J . 23.34 30.99 22.05
O5 MAN J . 20.38 30.57 19.98
O6 MAN J . 21.74 28.22 19.20
C1 MAN J . 15.27 30.05 14.07
C2 MAN J . 14.64 29.38 12.85
C3 MAN J . 13.90 30.45 12.03
C4 MAN J . 12.85 31.18 12.88
C5 MAN J . 13.43 31.65 14.23
C6 MAN J . 12.32 32.05 15.20
O2 MAN J . 13.75 28.37 13.26
O3 MAN J . 13.36 29.87 10.86
O4 MAN J . 12.31 32.28 12.18
O5 MAN J . 14.29 30.70 14.87
O6 MAN J . 12.05 30.98 16.10
C1 NAG K . -7.00 -16.00 15.38
C2 NAG K . -8.27 -15.73 14.52
C3 NAG K . -8.63 -14.25 14.41
C4 NAG K . -8.67 -13.73 15.83
C5 NAG K . -7.23 -13.80 16.38
C6 NAG K . -7.10 -13.25 17.78
C7 NAG K . -6.95 -16.23 12.54
C8 NAG K . -6.79 -15.17 11.47
N2 NAG K . -8.13 -16.27 13.17
O3 NAG K . -9.88 -14.08 13.77
O4 NAG K . -9.34 -12.50 15.92
O5 NAG K . -6.91 -15.17 16.53
O6 NAG K . -6.44 -14.18 18.60
O7 NAG K . -6.04 -17.02 12.84
C1 NAG K . -10.65 -12.76 16.49
C2 NAG K . -11.29 -11.46 17.01
C3 NAG K . -12.76 -11.58 17.41
C4 NAG K . -13.53 -12.51 16.46
C5 NAG K . -12.76 -13.80 16.11
C6 NAG K . -13.51 -14.66 15.08
C7 NAG K . -9.34 -10.52 18.13
C8 NAG K . -8.66 -10.34 19.47
N2 NAG K . -10.57 -11.01 18.18
O3 NAG K . -13.34 -10.29 17.42
O4 NAG K . -14.81 -12.75 17.01
O5 NAG K . -11.49 -13.45 15.58
O6 NAG K . -13.32 -16.04 15.26
O7 NAG K . -8.76 -10.24 17.06
C1 BMA K . -15.77 -12.11 16.12
C2 BMA K . -17.08 -12.91 16.18
C3 BMA K . -18.35 -12.07 16.07
C4 BMA K . -18.23 -10.86 17.00
C5 BMA K . -16.98 -9.99 16.71
C6 BMA K . -16.58 -9.08 17.89
O2 BMA K . -17.13 -13.71 17.36
O3 BMA K . -19.48 -12.90 16.37
O4 BMA K . -19.38 -10.05 16.93
O5 BMA K . -15.80 -10.69 16.36
O6 BMA K . -17.09 -9.52 19.13
C1 MAN K . -20.19 -13.27 15.15
C2 MAN K . -21.66 -13.59 15.43
C3 MAN K . -21.95 -15.09 15.60
C4 MAN K . -21.24 -15.91 14.53
C5 MAN K . -19.75 -15.62 14.59
C6 MAN K . -18.97 -16.46 13.57
O2 MAN K . -22.44 -13.04 14.38
O3 MAN K . -23.34 -15.33 15.55
O4 MAN K . -21.48 -17.29 14.69
O5 MAN K . -19.53 -14.24 14.33
O6 MAN K . -19.64 -16.52 12.32
C1 MAN K . -16.06 -10.08 19.97
C2 MAN K . -16.04 -11.62 19.93
C3 MAN K . -17.37 -12.18 20.47
C4 MAN K . -17.77 -11.56 21.82
C5 MAN K . -17.47 -10.04 21.92
C6 MAN K . -17.44 -9.57 23.37
O2 MAN K . -14.94 -12.18 20.64
O3 MAN K . -17.30 -13.58 20.57
O4 MAN K . -19.15 -11.80 22.06
O5 MAN K . -16.23 -9.66 21.32
O6 MAN K . -16.10 -9.52 23.82
C1 FUC K . -7.24 -15.25 19.18
C2 FUC K . -8.75 -15.03 19.45
C3 FUC K . -9.40 -16.35 19.88
C4 FUC K . -8.32 -17.46 20.00
C5 FUC K . -7.05 -16.98 20.77
C6 FUC K . -7.20 -16.98 22.30
O2 FUC K . -9.47 -14.74 18.28
O3 FUC K . -10.22 -16.19 21.03
O4 FUC K . -8.83 -18.69 20.50
O5 FUC K . -6.60 -15.71 20.33
C1 NAG L . 13.30 11.74 1.67
C2 NAG L . 14.19 11.18 0.57
C3 NAG L . 15.63 11.72 0.67
C4 NAG L . 15.74 13.21 1.02
C5 NAG L . 14.79 13.56 2.16
C6 NAG L . 14.74 15.06 2.46
C7 NAG L . 13.31 8.81 1.04
C8 NAG L . 13.93 7.72 1.88
N2 NAG L . 14.18 9.71 0.52
O3 NAG L . 16.29 11.51 -0.56
O4 NAG L . 17.10 13.48 1.37
O5 NAG L . 13.46 13.14 1.86
O6 NAG L . 13.95 15.73 1.49
O7 NAG L . 12.11 8.79 0.84
C1 NAG L . 17.82 14.35 0.45
C2 NAG L . 19.05 14.92 1.17
C3 NAG L . 20.09 15.62 0.27
C4 NAG L . 20.08 15.24 -1.23
C5 NAG L . 18.77 14.59 -1.71
C6 NAG L . 19.01 13.82 -3.00
C7 NAG L . 18.96 15.76 3.50
C8 NAG L . 17.82 15.88 4.48
N2 NAG L . 18.64 15.87 2.21
O3 NAG L . 21.38 15.35 0.79
O4 NAG L . 20.35 16.37 -2.04
O5 NAG L . 18.24 13.70 -0.74
O6 NAG L . 20.27 13.19 -2.98
O7 NAG L . 20.10 15.57 3.91
C1 BMA L . 21.77 16.58 -2.25
C2 BMA L . 22.07 16.96 -3.70
C3 BMA L . 23.57 17.24 -3.92
C4 BMA L . 24.20 18.06 -2.79
C5 BMA L . 23.73 17.59 -1.40
C6 BMA L . 24.31 18.33 -0.17
O2 BMA L . 21.34 18.11 -4.05
O3 BMA L . 23.79 17.94 -5.13
O4 BMA L . 25.60 17.96 -2.92
O5 BMA L . 22.31 17.57 -1.38
O6 BMA L . 24.64 19.71 -0.36
C1 MAN L . 24.40 20.47 0.85
C2 MAN L . 23.93 21.90 0.55
C3 MAN L . 25.09 22.83 0.14
C4 MAN L . 26.19 22.78 1.20
C5 MAN L . 26.58 21.33 1.55
C6 MAN L . 27.47 21.32 2.80
O2 MAN L . 23.28 22.43 1.70
O3 MAN L . 24.69 24.17 -0.08
O4 MAN L . 27.31 23.51 0.72
O5 MAN L . 25.46 20.47 1.79
O6 MAN L . 26.78 21.83 3.92
C1 NAG M . 16.34 -18.81 9.27
C2 NAG M . 17.02 -18.97 10.64
C3 NAG M . 17.55 -20.36 10.99
C4 NAG M . 16.72 -21.50 10.36
C5 NAG M . 16.31 -21.11 8.94
C6 NAG M . 15.51 -22.18 8.17
C7 NAG M . 17.95 -16.88 11.25
C8 NAG M . 18.05 -16.80 12.75
N2 NAG M . 18.14 -18.07 10.70
O3 NAG M . 17.55 -20.43 12.41
O4 NAG M . 17.45 -22.72 10.37
O5 NAG M . 15.52 -19.94 9.04
O6 NAG M . 15.60 -21.95 6.76
O7 NAG M . 17.69 -15.89 10.57
C1 NAG N . 4.05 -28.01 -6.17
C2 NAG N . 4.15 -29.30 -5.34
C3 NAG N . 3.24 -30.43 -5.85
C4 NAG N . 1.85 -29.94 -6.22
C5 NAG N . 1.96 -28.68 -7.09
C6 NAG N . 0.59 -28.09 -7.46
C7 NAG N . 6.16 -30.16 -4.24
C8 NAG N . 6.64 -31.59 -4.18
N2 NAG N . 5.53 -29.77 -5.36
O3 NAG N . 3.11 -31.44 -4.89
O4 NAG N . 1.17 -31.00 -6.86
O5 NAG N . 2.68 -27.69 -6.38
O6 NAG N . 0.71 -27.60 -8.90
O7 NAG N . 6.35 -29.41 -3.28
#